data_2P2V
#
_entry.id   2P2V
#
_cell.length_a   112.388
_cell.length_b   112.388
_cell.length_c   58.757
_cell.angle_alpha   90.000
_cell.angle_beta   90.000
_cell.angle_gamma   90.000
#
_symmetry.space_group_name_H-M   'I 4'
#
loop_
_entity.id
_entity.type
_entity.pdbx_description
1 polymer Alpha-2,3-sialyltransferase
2 non-polymer 'CHLORIDE ION'
3 non-polymer 1,2-ETHANEDIOL
4 non-polymer "CYTIDINE-5'-MONOPHOSPHATE-3-FLUORO-N-ACETYL-NEURAMINIC ACID"
5 water water
#
_entity_poly.entity_id   1
_entity_poly.type   'polypeptide(L)'
_entity_poly.pdbx_seq_one_letter_code
;GSHMTRTRMENELIVSKNMQNIIIAGNGPSLKNINYKRLPREYDVFRCNQFYFEDKYYLGKKIKAVFFNPGVFLQQYHTA
KQLILKNEYEIKNIFCSTFNLPFIESNDFLHQFYNFFPDAKLGYEVIENLKEFYAYIKYNEIYFNKRITSGVYMCAIAIA
LGYKTIYLCGIDFYEGDVIYPFEAMSTNIKTIFPGIKDFKPSNCHSKEYDIEALKLLKSIYKVNIYALCDDSILANHFPL
SININNNFTLENKHNNSINDILLTDNTPGVSFYKNQLKADNKIMLNFY
;
_entity_poly.pdbx_strand_id   A
#
# COMPACT_ATOMS: atom_id res chain seq x y z
N ARG A 8 -1.20 -18.43 -8.28
CA ARG A 8 -2.52 -18.54 -7.55
C ARG A 8 -2.70 -17.48 -6.44
N MET A 9 -3.59 -16.52 -6.68
CA MET A 9 -4.04 -15.61 -5.63
C MET A 9 -5.18 -16.28 -4.82
N GLU A 10 -5.52 -15.71 -3.66
CA GLU A 10 -6.77 -16.06 -2.97
C GLU A 10 -7.97 -15.49 -3.74
N ASN A 11 -9.06 -16.24 -3.85
CA ASN A 11 -10.31 -15.76 -4.44
C ASN A 11 -10.95 -14.65 -3.65
N GLU A 12 -10.80 -14.73 -2.33
CA GLU A 12 -11.37 -13.74 -1.42
C GLU A 12 -10.45 -13.69 -0.20
N LEU A 13 -10.26 -12.50 0.34
CA LEU A 13 -9.49 -12.35 1.57
C LEU A 13 -10.47 -12.46 2.75
N ILE A 14 -10.44 -13.61 3.45
CA ILE A 14 -11.36 -13.85 4.57
C ILE A 14 -10.56 -13.85 5.88
N VAL A 15 -10.91 -12.94 6.78
CA VAL A 15 -10.30 -12.83 8.11
C VAL A 15 -11.16 -13.72 9.05
N SER A 16 -10.54 -14.68 9.73
CA SER A 16 -11.27 -15.44 10.76
C SER A 16 -11.21 -14.74 12.12
N LYS A 17 -12.25 -14.94 12.94
CA LYS A 17 -12.27 -14.40 14.33
C LYS A 17 -11.03 -14.72 15.18
N ASN A 18 -10.33 -15.80 14.86
CA ASN A 18 -9.19 -16.27 15.66
C ASN A 18 -7.87 -15.55 15.39
N MET A 19 -7.82 -14.75 14.32
CA MET A 19 -6.62 -14.01 14.01
C MET A 19 -7.05 -12.71 13.31
N GLN A 20 -7.05 -11.62 14.07
CA GLN A 20 -7.54 -10.34 13.55
C GLN A 20 -6.46 -9.27 13.62
N ASN A 21 -5.19 -9.68 13.56
CA ASN A 21 -4.07 -8.77 13.69
C ASN A 21 -3.46 -8.50 12.32
N ILE A 22 -3.16 -7.24 12.08
CA ILE A 22 -2.59 -6.91 10.76
C ILE A 22 -1.44 -5.95 10.98
N ILE A 23 -0.33 -6.19 10.29
CA ILE A 23 0.77 -5.25 10.27
C ILE A 23 0.65 -4.59 8.91
N ILE A 24 0.72 -3.25 8.92
CA ILE A 24 0.55 -2.41 7.77
C ILE A 24 1.79 -1.56 7.67
N ALA A 25 2.56 -1.76 6.59
CA ALA A 25 3.81 -1.07 6.42
C ALA A 25 3.84 -0.09 5.28
N GLY A 26 4.18 1.15 5.61
CA GLY A 26 4.56 2.14 4.60
C GLY A 26 5.99 1.86 4.21
N ASN A 27 6.55 2.74 3.38
CA ASN A 27 7.91 2.55 2.94
C ASN A 27 8.83 3.69 3.42
N GLY A 28 8.45 4.34 4.52
CA GLY A 28 9.28 5.34 5.16
C GLY A 28 10.52 4.76 5.82
N PRO A 29 11.44 5.65 6.26
CA PRO A 29 12.72 5.21 6.82
C PRO A 29 12.54 4.28 8.01
N SER A 30 11.46 4.45 8.76
CA SER A 30 11.24 3.68 9.97
C SER A 30 10.96 2.22 9.71
N LEU A 31 10.80 1.84 8.44
CA LEU A 31 10.70 0.41 8.11
C LEU A 31 11.98 -0.32 8.57
N LYS A 32 13.09 0.40 8.54
CA LYS A 32 14.40 -0.12 8.95
C LYS A 32 14.55 -0.19 10.49
N ASN A 33 13.66 0.49 11.21
CA ASN A 33 13.76 0.62 12.66
C ASN A 33 12.53 0.09 13.40
N ILE A 34 12.00 -1.04 12.94
CA ILE A 34 10.90 -1.73 13.63
C ILE A 34 11.43 -2.35 14.93
N ASN A 35 10.65 -2.25 16.01
CA ASN A 35 11.02 -2.92 17.25
C ASN A 35 10.35 -4.27 17.23
N TYR A 36 11.07 -5.31 16.82
CA TYR A 36 10.41 -6.59 16.58
C TYR A 36 9.87 -7.21 17.84
N LYS A 37 10.35 -6.73 18.98
CA LYS A 37 9.82 -7.26 20.27
C LYS A 37 8.32 -6.95 20.51
N ARG A 38 7.83 -5.89 19.86
CA ARG A 38 6.47 -5.37 19.94
C ARG A 38 5.46 -6.02 18.95
N LEU A 39 5.92 -6.81 17.99
CA LEU A 39 4.99 -7.53 17.09
C LEU A 39 4.17 -8.52 17.90
N PRO A 40 2.87 -8.70 17.56
CA PRO A 40 2.12 -9.77 18.20
C PRO A 40 2.60 -11.13 17.73
N ARG A 41 2.15 -12.18 18.41
CA ARG A 41 2.50 -13.57 18.03
C ARG A 41 2.03 -13.95 16.62
N GLU A 42 0.81 -13.52 16.28
CA GLU A 42 0.22 -13.88 15.01
C GLU A 42 -0.22 -12.64 14.29
N TYR A 43 -0.06 -12.65 12.97
CA TYR A 43 -0.43 -11.48 12.19
C TYR A 43 -0.30 -11.80 10.68
N ASP A 44 -1.03 -11.03 9.88
CA ASP A 44 -0.87 -10.94 8.39
C ASP A 44 -0.16 -9.64 8.14
N VAL A 45 0.39 -9.45 6.93
CA VAL A 45 1.14 -8.25 6.65
C VAL A 45 0.55 -7.63 5.34
N PHE A 46 0.41 -6.29 5.30
CA PHE A 46 0.04 -5.57 4.05
C PHE A 46 1.22 -4.71 3.68
N ARG A 47 1.57 -4.69 2.38
CA ARG A 47 2.63 -3.81 1.92
C ARG A 47 2.10 -3.04 0.70
N CYS A 48 2.77 -1.94 0.34
CA CYS A 48 2.25 -1.17 -0.76
C CYS A 48 3.38 -0.73 -1.66
N ASN A 49 3.00 -0.36 -2.88
CA ASN A 49 3.89 0.41 -3.75
C ASN A 49 5.29 -0.23 -3.87
N GLN A 50 6.37 0.55 -3.71
CA GLN A 50 7.70 -0.02 -3.94
C GLN A 50 8.29 -0.74 -2.70
N PHE A 51 7.51 -1.62 -2.05
CA PHE A 51 7.99 -2.29 -0.86
C PHE A 51 9.24 -3.16 -1.14
N TYR A 52 9.28 -3.73 -2.35
CA TYR A 52 10.31 -4.70 -2.75
C TYR A 52 11.67 -4.03 -3.00
N PHE A 53 11.68 -2.70 -2.98
CA PHE A 53 12.92 -1.92 -2.95
C PHE A 53 13.74 -2.23 -1.69
N GLU A 54 13.09 -2.74 -0.63
CA GLU A 54 13.76 -3.09 0.63
C GLU A 54 14.93 -4.03 0.40
N ASP A 55 16.04 -3.76 1.10
CA ASP A 55 17.29 -4.54 0.97
C ASP A 55 17.30 -5.78 1.87
N LYS A 56 16.39 -5.81 2.83
CA LYS A 56 16.24 -6.99 3.67
C LYS A 56 14.76 -7.26 3.82
N TYR A 57 14.43 -8.47 4.24
CA TYR A 57 13.05 -8.79 4.46
C TYR A 57 12.58 -8.25 5.79
N TYR A 58 12.38 -6.94 5.87
CA TYR A 58 11.98 -6.28 7.16
C TYR A 58 10.70 -6.81 7.80
N LEU A 59 9.79 -7.39 7.01
CA LEU A 59 8.60 -8.00 7.56
C LEU A 59 8.38 -9.43 7.06
N GLY A 60 9.46 -10.07 6.61
CA GLY A 60 9.40 -11.46 6.17
C GLY A 60 8.97 -11.53 4.70
N LYS A 61 8.72 -12.76 4.25
CA LYS A 61 8.51 -13.04 2.83
C LYS A 61 7.04 -13.21 2.47
N LYS A 62 6.20 -13.43 3.50
CA LYS A 62 4.77 -13.71 3.31
C LYS A 62 3.93 -12.44 3.44
N ILE A 63 3.45 -11.94 2.29
CA ILE A 63 2.55 -10.80 2.24
C ILE A 63 1.09 -11.23 2.02
N LYS A 64 0.19 -10.85 2.91
CA LYS A 64 -1.19 -11.16 2.73
C LYS A 64 -1.81 -10.35 1.58
N ALA A 65 -1.51 -9.06 1.48
CA ALA A 65 -2.02 -8.34 0.29
C ALA A 65 -1.01 -7.27 -0.01
N VAL A 66 -0.86 -6.97 -1.30
CA VAL A 66 -0.10 -5.81 -1.67
C VAL A 66 -1.03 -4.81 -2.31
N PHE A 67 -0.63 -3.53 -2.32
CA PHE A 67 -1.54 -2.48 -2.76
C PHE A 67 -0.77 -1.58 -3.67
N PHE A 68 -1.35 -1.31 -4.84
CA PHE A 68 -0.65 -0.47 -5.87
C PHE A 68 -1.60 0.58 -6.44
N ASN A 69 -1.02 1.72 -6.85
CA ASN A 69 -1.80 2.82 -7.38
C ASN A 69 -2.12 2.60 -8.88
N PRO A 70 -3.24 3.12 -9.33
CA PRO A 70 -3.74 2.80 -10.65
C PRO A 70 -2.75 3.25 -11.72
N GLY A 71 -2.05 4.35 -11.47
CA GLY A 71 -1.20 4.99 -12.53
C GLY A 71 0.02 4.17 -12.94
N VAL A 72 0.45 3.25 -12.07
CA VAL A 72 1.55 2.33 -12.33
C VAL A 72 1.10 0.91 -12.12
N PHE A 73 -0.21 0.67 -12.13
CA PHE A 73 -0.66 -0.73 -11.84
C PHE A 73 -0.15 -1.74 -12.83
N LEU A 74 -0.16 -1.37 -14.13
CA LEU A 74 0.31 -2.32 -15.13
C LEU A 74 1.72 -2.84 -14.81
N GLN A 75 2.66 -1.93 -14.55
CA GLN A 75 4.02 -2.34 -14.21
C GLN A 75 4.09 -3.07 -12.85
N GLN A 76 3.31 -2.60 -11.87
CA GLN A 76 3.42 -3.22 -10.54
C GLN A 76 2.84 -4.62 -10.54
N TYR A 77 1.76 -4.81 -11.29
CA TYR A 77 1.15 -6.17 -11.40
C TYR A 77 2.17 -7.17 -11.95
N HIS A 78 2.85 -6.78 -13.04
CA HIS A 78 3.89 -7.59 -13.63
C HIS A 78 5.05 -7.79 -12.61
N THR A 79 5.42 -6.76 -11.89
CA THR A 79 6.53 -6.86 -10.91
C THR A 79 6.14 -7.86 -9.83
N ALA A 80 4.92 -7.71 -9.32
CA ALA A 80 4.43 -8.69 -8.33
C ALA A 80 4.38 -10.16 -8.81
N LYS A 81 3.96 -10.41 -10.04
CA LYS A 81 3.98 -11.73 -10.65
C LYS A 81 5.42 -12.25 -10.76
N GLN A 82 6.35 -11.37 -11.09
CA GLN A 82 7.76 -11.80 -11.10
C GLN A 82 8.35 -12.05 -9.69
N LEU A 83 7.97 -11.25 -8.69
CA LEU A 83 8.40 -11.47 -7.30
C LEU A 83 7.95 -12.84 -6.90
N ILE A 84 6.74 -13.21 -7.33
CA ILE A 84 6.13 -14.50 -6.93
C ILE A 84 6.80 -15.67 -7.64
N LEU A 85 6.85 -15.59 -8.97
CA LEU A 85 7.58 -16.57 -9.79
C LEU A 85 9.05 -16.78 -9.40
N LYS A 86 9.75 -15.73 -8.96
CA LYS A 86 11.17 -15.82 -8.59
C LYS A 86 11.36 -16.21 -7.13
N ASN A 87 10.24 -16.57 -6.48
CA ASN A 87 10.18 -16.90 -5.06
C ASN A 87 10.77 -15.80 -4.10
N GLU A 88 10.68 -14.52 -4.48
CA GLU A 88 11.15 -13.45 -3.62
C GLU A 88 10.14 -13.17 -2.53
N TYR A 89 8.85 -13.23 -2.89
CA TYR A 89 7.79 -13.13 -1.89
C TYR A 89 6.67 -14.05 -2.25
N GLU A 90 5.85 -14.33 -1.23
CA GLU A 90 4.59 -14.99 -1.41
C GLU A 90 3.57 -13.88 -1.21
N ILE A 91 2.69 -13.71 -2.19
CA ILE A 91 1.72 -12.60 -2.20
C ILE A 91 0.37 -13.23 -2.43
N LYS A 92 -0.51 -13.15 -1.42
CA LYS A 92 -1.80 -13.79 -1.51
C LYS A 92 -2.89 -13.02 -2.24
N ASN A 93 -2.75 -11.70 -2.32
CA ASN A 93 -3.81 -10.89 -2.92
C ASN A 93 -3.16 -9.65 -3.49
N ILE A 94 -3.75 -9.11 -4.54
CA ILE A 94 -3.18 -7.88 -5.12
C ILE A 94 -4.28 -6.88 -5.32
N PHE A 95 -4.23 -5.73 -4.64
CA PHE A 95 -5.26 -4.69 -4.77
C PHE A 95 -4.74 -3.49 -5.58
N CYS A 96 -5.67 -2.85 -6.28
CA CYS A 96 -5.44 -1.52 -6.83
C CYS A 96 -6.12 -0.52 -5.92
N SER A 97 -5.35 0.34 -5.27
CA SER A 97 -5.84 1.36 -4.34
C SER A 97 -6.66 2.45 -5.06
N THR A 98 -7.98 2.31 -5.00
CA THR A 98 -8.89 3.06 -5.84
C THR A 98 -9.99 3.73 -5.01
N PHE A 99 -10.59 4.78 -5.53
CA PHE A 99 -11.66 5.49 -4.85
C PHE A 99 -12.95 5.48 -5.65
N ASN A 100 -12.92 5.10 -6.97
CA ASN A 100 -14.05 5.20 -7.88
C ASN A 100 -14.53 6.67 -7.98
N LEU A 101 -13.61 7.54 -8.39
CA LEU A 101 -13.90 8.92 -8.69
C LEU A 101 -13.27 9.17 -10.07
N PRO A 102 -14.06 9.72 -10.99
CA PRO A 102 -13.64 9.74 -12.41
C PRO A 102 -12.53 10.73 -12.76
N PHE A 103 -12.19 11.60 -11.82
CA PHE A 103 -11.02 12.47 -11.94
C PHE A 103 -9.77 11.84 -11.35
N ILE A 104 -9.90 10.63 -10.79
CA ILE A 104 -8.75 9.91 -10.27
C ILE A 104 -8.49 8.67 -11.09
N GLU A 105 -9.52 7.89 -11.38
CA GLU A 105 -9.44 6.68 -12.18
C GLU A 105 -10.36 6.86 -13.36
N SER A 106 -9.83 6.68 -14.57
CA SER A 106 -10.66 6.90 -15.73
C SER A 106 -11.76 5.83 -15.86
N ASN A 107 -12.85 6.16 -16.53
CA ASN A 107 -13.91 5.17 -16.80
C ASN A 107 -13.36 3.92 -17.44
N ASP A 108 -12.49 4.09 -18.43
CA ASP A 108 -11.93 2.93 -19.11
C ASP A 108 -11.04 2.09 -18.20
N PHE A 109 -10.23 2.73 -17.37
CA PHE A 109 -9.37 2.00 -16.43
C PHE A 109 -10.27 1.10 -15.57
N LEU A 110 -11.30 1.68 -15.00
CA LEU A 110 -12.14 0.85 -14.05
C LEU A 110 -12.92 -0.22 -14.77
N HIS A 111 -13.45 0.13 -15.94
CA HIS A 111 -14.26 -0.78 -16.80
CA HIS A 111 -14.28 -0.81 -16.64
C HIS A 111 -13.48 -2.01 -17.26
N GLN A 112 -12.21 -1.81 -17.61
CA GLN A 112 -11.37 -2.85 -18.18
C GLN A 112 -10.47 -3.47 -17.15
N PHE A 113 -10.51 -2.99 -15.91
CA PHE A 113 -9.60 -3.51 -14.89
C PHE A 113 -9.55 -5.01 -14.82
N TYR A 114 -10.69 -5.67 -14.55
CA TYR A 114 -10.66 -7.10 -14.42
C TYR A 114 -10.38 -7.82 -15.71
N ASN A 115 -10.61 -7.13 -16.85
CA ASN A 115 -10.29 -7.74 -18.14
C ASN A 115 -8.78 -7.99 -18.23
N PHE A 116 -7.98 -6.99 -17.84
CA PHE A 116 -6.54 -7.08 -17.81
C PHE A 116 -5.97 -7.83 -16.61
N PHE A 117 -6.61 -7.71 -15.44
CA PHE A 117 -6.00 -8.18 -14.20
C PHE A 117 -7.04 -9.04 -13.48
N PRO A 118 -7.42 -10.23 -14.02
CA PRO A 118 -8.58 -10.98 -13.56
C PRO A 118 -8.51 -11.45 -12.12
N ASP A 119 -7.30 -11.61 -11.61
CA ASP A 119 -7.08 -12.05 -10.23
C ASP A 119 -6.69 -10.94 -9.28
N ALA A 120 -6.66 -9.67 -9.76
CA ALA A 120 -6.50 -8.55 -8.84
C ALA A 120 -7.85 -8.11 -8.27
N LYS A 121 -7.84 -7.13 -7.38
CA LYS A 121 -9.08 -6.61 -6.77
C LYS A 121 -9.12 -5.11 -6.71
N LEU A 122 -10.21 -4.49 -7.11
CA LEU A 122 -10.30 -3.05 -6.92
C LEU A 122 -10.58 -2.74 -5.47
N GLY A 123 -9.71 -1.96 -4.86
CA GLY A 123 -9.87 -1.58 -3.44
C GLY A 123 -11.15 -0.84 -3.14
N TYR A 124 -11.67 -0.02 -4.06
CA TYR A 124 -12.88 0.72 -3.71
C TYR A 124 -14.06 -0.21 -3.40
N GLU A 125 -14.09 -1.39 -3.99
CA GLU A 125 -15.20 -2.33 -3.83
C GLU A 125 -15.24 -2.81 -2.37
N VAL A 126 -14.13 -2.65 -1.68
CA VAL A 126 -13.98 -3.12 -0.25
C VAL A 126 -14.21 -1.93 0.63
N ILE A 127 -13.55 -0.78 0.40
CA ILE A 127 -13.75 0.32 1.32
C ILE A 127 -15.12 1.02 1.18
N GLU A 128 -15.86 0.76 0.11
CA GLU A 128 -17.14 1.44 -0.05
C GLU A 128 -18.12 0.95 1.06
N ASN A 129 -17.78 -0.18 1.62
CA ASN A 129 -18.62 -0.78 2.67
C ASN A 129 -18.48 -0.08 4.01
N LEU A 130 -17.43 0.72 4.16
CA LEU A 130 -17.26 1.58 5.33
C LEU A 130 -18.02 2.88 5.05
N LYS A 131 -19.35 2.82 5.17
CA LYS A 131 -20.17 3.88 4.61
C LYS A 131 -19.83 5.25 5.08
N GLU A 132 -19.71 5.41 6.40
CA GLU A 132 -19.45 6.71 6.94
C GLU A 132 -18.05 7.22 6.53
N PHE A 133 -17.05 6.34 6.58
CA PHE A 133 -15.64 6.72 6.31
C PHE A 133 -15.51 7.05 4.82
N TYR A 134 -16.17 6.24 4.02
CA TYR A 134 -16.14 6.42 2.53
C TYR A 134 -16.74 7.74 2.12
N ALA A 135 -17.90 8.10 2.69
CA ALA A 135 -18.48 9.40 2.42
C ALA A 135 -17.60 10.53 2.90
N TYR A 136 -16.95 10.35 4.06
CA TYR A 136 -16.07 11.39 4.58
C TYR A 136 -14.82 11.60 3.69
N ILE A 137 -14.23 10.52 3.22
CA ILE A 137 -13.03 10.71 2.29
C ILE A 137 -13.45 11.29 0.97
N LYS A 138 -14.61 10.90 0.45
CA LYS A 138 -15.03 11.51 -0.83
C LYS A 138 -15.35 12.98 -0.71
N TYR A 139 -16.00 13.37 0.39
CA TYR A 139 -16.35 14.77 0.61
C TYR A 139 -15.03 15.58 0.69
N ASN A 140 -14.09 15.10 1.46
CA ASN A 140 -12.80 15.84 1.57
C ASN A 140 -11.95 15.86 0.31
N GLU A 141 -11.93 14.75 -0.43
CA GLU A 141 -11.30 14.74 -1.75
C GLU A 141 -11.94 15.73 -2.69
N ILE A 142 -13.24 15.59 -2.93
CA ILE A 142 -13.89 16.44 -3.96
C ILE A 142 -13.88 17.92 -3.64
N TYR A 143 -14.26 18.27 -2.41
CA TYR A 143 -14.49 19.67 -2.10
C TYR A 143 -13.23 20.35 -1.52
N PHE A 144 -12.28 19.57 -1.06
CA PHE A 144 -11.15 20.20 -0.33
C PHE A 144 -9.81 19.73 -0.83
N ASN A 145 -9.78 18.79 -1.80
CA ASN A 145 -8.51 18.31 -2.38
C ASN A 145 -7.60 17.70 -1.34
N LYS A 146 -8.18 16.96 -0.40
CA LYS A 146 -7.45 16.19 0.58
C LYS A 146 -7.59 14.70 0.31
N ARG A 147 -6.49 13.98 0.26
CA ARG A 147 -6.52 12.53 -0.03
C ARG A 147 -5.71 11.76 0.97
N ILE A 148 -6.20 10.58 1.37
CA ILE A 148 -5.43 9.76 2.28
C ILE A 148 -4.27 9.11 1.55
N THR A 149 -3.19 8.84 2.27
CA THR A 149 -2.03 8.11 1.71
C THR A 149 -2.30 6.62 1.74
N SER A 150 -1.45 5.83 1.07
CA SER A 150 -1.69 4.37 0.98
C SER A 150 -1.65 3.72 2.33
N GLY A 151 -0.85 4.23 3.26
CA GLY A 151 -0.87 3.64 4.61
C GLY A 151 -2.23 3.65 5.26
N VAL A 152 -2.86 4.80 5.26
CA VAL A 152 -4.24 5.00 5.69
C VAL A 152 -5.21 4.18 4.87
N TYR A 153 -5.05 4.15 3.53
CA TYR A 153 -5.95 3.35 2.70
C TYR A 153 -5.91 1.88 3.11
N MET A 154 -4.71 1.36 3.32
CA MET A 154 -4.53 -0.04 3.72
C MET A 154 -5.22 -0.30 5.07
N CYS A 155 -5.17 0.69 5.96
CA CYS A 155 -5.90 0.54 7.27
C CYS A 155 -7.42 0.39 7.07
N ALA A 156 -7.98 1.23 6.21
CA ALA A 156 -9.39 1.20 5.86
C ALA A 156 -9.72 -0.17 5.26
N ILE A 157 -8.87 -0.67 4.35
CA ILE A 157 -9.12 -1.94 3.74
C ILE A 157 -9.13 -3.05 4.82
N ALA A 158 -8.12 -3.00 5.67
CA ALA A 158 -8.00 -4.00 6.79
C ALA A 158 -9.26 -4.01 7.65
N ILE A 159 -9.73 -2.82 8.01
CA ILE A 159 -10.95 -2.64 8.85
C ILE A 159 -12.16 -3.16 8.14
N ALA A 160 -12.30 -2.80 6.83
CA ALA A 160 -13.40 -3.38 6.08
C ALA A 160 -13.38 -4.90 5.99
N LEU A 161 -12.21 -5.53 6.00
CA LEU A 161 -12.13 -6.94 5.81
C LEU A 161 -12.25 -7.66 7.16
N GLY A 162 -12.20 -6.88 8.21
CA GLY A 162 -12.54 -7.44 9.55
C GLY A 162 -11.35 -7.67 10.46
N TYR A 163 -10.20 -7.06 10.15
CA TYR A 163 -9.12 -7.02 11.13
C TYR A 163 -9.44 -6.03 12.24
N LYS A 164 -8.95 -6.35 13.44
CA LYS A 164 -9.33 -5.60 14.65
C LYS A 164 -8.21 -4.85 15.33
N THR A 165 -6.97 -5.29 15.11
CA THR A 165 -5.81 -4.61 15.63
C THR A 165 -4.75 -4.34 14.58
N ILE A 166 -4.45 -3.07 14.36
CA ILE A 166 -3.47 -2.66 13.35
C ILE A 166 -2.14 -2.23 13.99
N TYR A 167 -1.01 -2.71 13.49
CA TYR A 167 0.28 -2.25 13.91
C TYR A 167 0.96 -1.61 12.77
N LEU A 168 1.31 -0.35 12.95
CA LEU A 168 1.85 0.43 11.85
C LEU A 168 3.32 0.62 11.88
N CYS A 169 3.94 0.62 10.71
CA CYS A 169 5.34 0.91 10.60
C CYS A 169 5.61 1.49 9.23
N GLY A 170 6.78 2.06 9.07
CA GLY A 170 7.16 2.70 7.80
C GLY A 170 6.28 3.89 7.45
N ILE A 171 5.51 4.36 8.43
CA ILE A 171 4.74 5.60 8.25
C ILE A 171 5.41 6.81 8.96
N ASP A 172 5.95 7.74 8.18
CA ASP A 172 6.82 8.81 8.71
C ASP A 172 6.47 10.20 8.17
N PHE A 173 5.31 10.26 7.51
CA PHE A 173 4.70 11.51 7.05
C PHE A 173 5.64 12.40 6.24
N TYR A 174 6.63 11.80 5.59
CA TYR A 174 7.59 12.54 4.75
C TYR A 174 8.30 13.68 5.49
N GLU A 175 8.71 13.40 6.74
CA GLU A 175 9.45 14.36 7.57
C GLU A 175 10.89 13.87 7.79
N GLY A 176 11.78 14.79 8.17
CA GLY A 176 13.22 14.50 8.35
C GLY A 176 14.01 14.59 7.04
N ASP A 177 15.28 14.18 7.08
CA ASP A 177 16.14 14.23 5.90
C ASP A 177 16.22 12.92 5.11
N VAL A 178 16.08 11.80 5.81
CA VAL A 178 15.81 10.53 5.15
C VAL A 178 14.28 10.47 4.93
N ILE A 179 13.90 10.30 3.67
CA ILE A 179 12.50 10.25 3.29
C ILE A 179 12.12 8.83 2.80
N TYR A 180 13.12 8.05 2.38
CA TYR A 180 12.94 6.64 2.02
C TYR A 180 14.15 5.83 2.51
N PRO A 181 13.94 4.58 2.99
CA PRO A 181 15.05 3.72 3.40
C PRO A 181 15.81 3.14 2.19
N PHE A 182 15.68 3.79 1.04
CA PHE A 182 16.25 3.33 -0.22
C PHE A 182 16.21 4.46 -1.25
N GLU A 183 16.79 4.22 -2.40
CA GLU A 183 16.72 5.19 -3.48
C GLU A 183 15.37 5.07 -4.16
N ALA A 184 14.56 6.12 -4.05
CA ALA A 184 13.22 6.13 -4.66
C ALA A 184 13.24 6.56 -6.14
N MET A 185 14.20 7.41 -6.51
CA MET A 185 14.37 7.80 -7.92
C MET A 185 15.31 6.83 -8.63
N SER A 186 14.89 5.56 -8.65
CA SER A 186 15.62 4.50 -9.32
C SER A 186 15.49 4.71 -10.83
N THR A 187 16.25 3.95 -11.61
CA THR A 187 16.28 4.16 -13.05
C THR A 187 14.88 3.96 -13.66
N ASN A 188 14.17 2.90 -13.25
CA ASN A 188 12.86 2.61 -13.85
C ASN A 188 11.77 3.60 -13.44
N ILE A 189 11.81 4.08 -12.19
CA ILE A 189 10.87 5.12 -11.75
C ILE A 189 11.01 6.37 -12.65
N LYS A 190 12.27 6.81 -12.84
CA LYS A 190 12.60 7.90 -13.77
C LYS A 190 12.07 7.69 -15.19
N THR A 191 12.19 6.48 -15.72
CA THR A 191 11.77 6.23 -17.10
C THR A 191 10.26 6.33 -17.26
N ILE A 192 9.52 5.54 -16.47
CA ILE A 192 8.05 5.47 -16.60
C ILE A 192 7.46 6.88 -16.53
N PHE A 193 7.82 7.62 -15.49
CA PHE A 193 7.38 9.00 -15.30
C PHE A 193 8.56 9.98 -15.42
N PRO A 194 8.90 10.42 -16.67
CA PRO A 194 10.07 11.27 -16.93
C PRO A 194 10.16 12.56 -16.06
N GLY A 195 11.37 12.88 -15.64
CA GLY A 195 11.62 13.99 -14.71
C GLY A 195 10.91 15.30 -15.03
N ASP A 198 12.77 15.04 -7.99
CA ASP A 198 12.40 14.53 -6.66
C ASP A 198 11.15 13.65 -6.72
N PHE A 199 11.05 12.74 -5.75
CA PHE A 199 9.90 11.85 -5.58
C PHE A 199 9.24 12.24 -4.25
N LYS A 200 8.53 13.36 -4.23
CA LYS A 200 7.87 13.81 -2.98
C LYS A 200 6.34 13.82 -3.13
N PRO A 201 5.60 13.64 -2.02
CA PRO A 201 4.13 13.53 -2.07
C PRO A 201 3.43 14.78 -2.61
N SER A 202 2.24 14.60 -3.21
CA SER A 202 1.44 15.73 -3.68
C SER A 202 0.88 16.52 -2.50
N ASN A 203 0.45 17.76 -2.79
CA ASN A 203 -0.16 18.70 -1.86
C ASN A 203 -1.49 18.21 -1.27
N CYS A 204 -2.13 17.27 -1.96
CA CYS A 204 -3.38 16.71 -1.45
C CYS A 204 -3.17 15.84 -0.20
N HIS A 205 -1.94 15.35 0.02
CA HIS A 205 -1.59 14.53 1.18
C HIS A 205 -1.07 15.35 2.35
N SER A 206 -1.34 14.91 3.58
CA SER A 206 -0.83 15.66 4.74
C SER A 206 -0.79 14.78 5.95
N LYS A 207 0.20 15.00 6.81
CA LYS A 207 0.25 14.37 8.11
C LYS A 207 -1.03 14.59 8.91
N GLU A 208 -1.54 15.81 8.93
CA GLU A 208 -2.73 16.12 9.74
C GLU A 208 -3.94 15.32 9.27
N TYR A 209 -4.13 15.29 7.96
CA TYR A 209 -5.26 14.55 7.40
C TYR A 209 -5.10 13.06 7.61
N ASP A 210 -3.93 12.49 7.33
CA ASP A 210 -3.74 11.05 7.61
C ASP A 210 -4.09 10.73 9.02
N ILE A 211 -3.53 11.50 9.96
CA ILE A 211 -3.86 11.29 11.37
C ILE A 211 -5.36 11.42 11.68
N GLU A 212 -6.02 12.48 11.23
CA GLU A 212 -7.46 12.60 11.45
C GLU A 212 -8.27 11.40 10.91
N ALA A 213 -7.93 10.98 9.67
CA ALA A 213 -8.60 9.84 9.04
C ALA A 213 -8.38 8.58 9.84
N LEU A 214 -7.14 8.37 10.29
CA LEU A 214 -6.84 7.18 11.12
C LEU A 214 -7.60 7.19 12.46
N LYS A 215 -7.65 8.34 13.09
CA LYS A 215 -8.41 8.49 14.35
C LYS A 215 -9.91 8.25 14.12
N LEU A 216 -10.41 8.73 12.98
CA LEU A 216 -11.80 8.44 12.60
C LEU A 216 -12.10 6.98 12.37
N LEU A 217 -11.22 6.27 11.65
CA LEU A 217 -11.39 4.83 11.46
C LEU A 217 -11.50 4.15 12.82
N LYS A 218 -10.62 4.56 13.73
CA LYS A 218 -10.60 3.95 15.09
C LYS A 218 -11.88 4.27 15.85
N SER A 219 -12.33 5.53 15.82
CA SER A 219 -13.61 5.85 16.54
C SER A 219 -14.90 5.32 15.95
N ILE A 220 -15.00 5.21 14.62
CA ILE A 220 -16.22 4.61 14.04
C ILE A 220 -16.27 3.10 14.14
N TYR A 221 -15.16 2.45 13.82
CA TYR A 221 -15.20 0.99 13.61
C TYR A 221 -14.65 0.20 14.80
N LYS A 222 -14.19 0.92 15.80
CA LYS A 222 -13.77 0.33 17.07
C LYS A 222 -12.68 -0.73 16.95
N VAL A 223 -11.50 -0.29 16.52
CA VAL A 223 -10.36 -1.16 16.37
C VAL A 223 -9.25 -0.43 17.10
N ASN A 224 -8.10 -1.10 17.25
CA ASN A 224 -6.96 -0.52 17.93
C ASN A 224 -5.83 -0.33 16.96
N ILE A 225 -5.15 0.79 17.06
CA ILE A 225 -4.04 1.12 16.23
C ILE A 225 -2.79 1.44 17.06
N TYR A 226 -1.76 0.62 16.86
CA TYR A 226 -0.47 0.81 17.49
C TYR A 226 0.64 1.16 16.55
N ALA A 227 1.69 1.77 17.10
CA ALA A 227 2.97 1.95 16.41
C ALA A 227 3.95 0.82 16.74
N LEU A 228 4.96 0.62 15.88
CA LEU A 228 6.00 -0.39 16.11
C LEU A 228 7.41 0.22 16.14
N CYS A 229 7.56 1.46 15.67
CA CYS A 229 8.86 2.09 15.50
C CYS A 229 9.09 3.17 16.58
N ASP A 230 9.98 2.87 17.53
CA ASP A 230 10.23 3.74 18.70
C ASP A 230 10.61 5.17 18.38
N ASP A 231 11.44 5.33 17.37
CA ASP A 231 12.01 6.64 17.04
C ASP A 231 11.29 7.40 15.92
N SER A 232 10.06 6.97 15.60
CA SER A 232 9.31 7.53 14.48
C SER A 232 8.28 8.51 14.99
N ILE A 233 8.04 9.53 14.17
CA ILE A 233 6.96 10.50 14.38
C ILE A 233 5.61 9.86 14.75
N LEU A 234 5.29 8.76 14.09
CA LEU A 234 3.99 8.14 14.29
C LEU A 234 3.75 7.87 15.78
N ALA A 235 4.82 7.56 16.51
CA ALA A 235 4.69 7.06 17.90
C ALA A 235 4.23 8.18 18.86
N ASN A 236 4.38 9.42 18.41
CA ASN A 236 3.85 10.61 19.09
C ASN A 236 2.36 10.78 18.95
N HIS A 237 1.74 9.97 18.08
CA HIS A 237 0.30 10.08 17.82
C HIS A 237 -0.48 8.84 18.08
N PHE A 238 0.19 7.69 17.93
CA PHE A 238 -0.38 6.42 18.31
C PHE A 238 0.56 5.76 19.29
N PRO A 239 0.00 5.03 20.27
CA PRO A 239 0.81 4.31 21.25
C PRO A 239 1.67 3.24 20.61
N LEU A 240 2.95 3.19 20.98
CA LEU A 240 3.75 2.00 20.71
C LEU A 240 3.09 0.78 21.32
N SER A 241 3.09 -0.28 20.54
CA SER A 241 2.69 -1.60 20.97
C SER A 241 3.60 -2.04 22.13
N ILE A 242 3.05 -2.81 23.07
CA ILE A 242 3.86 -3.29 24.22
C ILE A 242 4.99 -4.24 23.82
N ASN A 243 6.17 -4.05 24.43
CA ASN A 243 7.29 -4.95 24.25
C ASN A 243 6.94 -6.29 24.89
N ILE A 244 6.54 -7.26 24.06
CA ILE A 244 6.18 -8.60 24.55
C ILE A 244 7.34 -9.61 24.37
N ASN A 245 8.54 -9.07 24.12
CA ASN A 245 9.75 -9.87 23.92
C ASN A 245 9.68 -10.83 22.75
N ASN A 246 9.03 -10.40 21.65
CA ASN A 246 8.94 -11.28 20.50
C ASN A 246 10.30 -11.23 19.80
N ASN A 247 10.66 -12.28 19.07
CA ASN A 247 11.92 -12.25 18.31
C ASN A 247 11.63 -12.31 16.82
N PHE A 248 12.63 -11.94 16.02
CA PHE A 248 12.46 -11.92 14.60
C PHE A 248 13.75 -12.28 13.94
N THR A 249 13.68 -13.10 12.89
CA THR A 249 14.86 -13.35 12.08
C THR A 249 14.85 -12.43 10.88
N LEU A 250 15.75 -11.47 10.89
CA LEU A 250 15.85 -10.54 9.80
C LEU A 250 16.78 -11.11 8.73
N GLU A 251 16.19 -11.43 7.58
CA GLU A 251 16.88 -12.09 6.47
C GLU A 251 17.29 -11.09 5.38
N ASN A 252 18.51 -11.26 4.85
CA ASN A 252 18.92 -10.43 3.72
C ASN A 252 18.27 -10.89 2.42
N LYS A 253 18.20 -9.98 1.47
CA LYS A 253 17.76 -10.32 0.13
C LYS A 253 18.95 -10.90 -0.65
N HIS A 254 18.72 -11.99 -1.39
CA HIS A 254 19.74 -12.42 -2.35
C HIS A 254 20.11 -11.26 -3.27
N ASN A 255 21.29 -11.33 -3.87
CA ASN A 255 21.88 -10.15 -4.51
C ASN A 255 21.16 -9.67 -5.75
N ASN A 256 20.66 -10.64 -6.51
CA ASN A 256 19.97 -10.35 -7.75
C ASN A 256 18.46 -10.31 -7.54
N SER A 257 18.06 -9.88 -6.33
CA SER A 257 16.67 -9.57 -6.04
C SER A 257 16.18 -8.47 -6.98
N ILE A 258 14.92 -8.57 -7.41
CA ILE A 258 14.24 -7.43 -8.03
C ILE A 258 14.25 -6.27 -7.03
N ASN A 259 14.83 -5.16 -7.46
CA ASN A 259 14.97 -4.00 -6.61
C ASN A 259 14.50 -2.73 -7.26
N ASP A 260 13.89 -2.83 -8.43
CA ASP A 260 13.32 -1.64 -9.12
C ASP A 260 12.05 -2.17 -9.77
N ILE A 261 11.10 -1.28 -10.03
CA ILE A 261 9.84 -1.62 -10.71
C ILE A 261 10.19 -2.12 -12.11
N LEU A 262 9.59 -3.23 -12.51
CA LEU A 262 9.84 -3.78 -13.85
C LEU A 262 9.19 -2.99 -14.96
N LEU A 263 9.86 -2.95 -16.11
CA LEU A 263 9.33 -2.27 -17.27
C LEU A 263 8.59 -3.31 -18.09
N THR A 264 7.67 -2.88 -18.95
CA THR A 264 6.94 -3.85 -19.77
C THR A 264 7.43 -3.74 -21.21
N ASP A 265 7.38 -4.83 -21.94
CA ASP A 265 7.62 -4.83 -23.39
C ASP A 265 6.41 -4.26 -24.14
N ASN A 266 6.67 -3.61 -25.26
CA ASN A 266 5.65 -3.06 -26.12
C ASN A 266 4.89 -4.12 -26.95
N THR A 267 4.23 -5.05 -26.26
CA THR A 267 3.34 -6.00 -26.93
C THR A 267 2.03 -5.34 -27.43
N PRO A 268 1.22 -6.05 -28.23
CA PRO A 268 -0.05 -5.44 -28.66
C PRO A 268 -0.91 -5.07 -27.45
N GLY A 269 -0.90 -5.90 -26.42
CA GLY A 269 -1.75 -5.61 -25.25
C GLY A 269 -1.27 -4.46 -24.40
N VAL A 270 0.04 -4.42 -24.12
CA VAL A 270 0.65 -3.33 -23.37
C VAL A 270 0.48 -2.06 -24.18
N SER A 271 0.74 -2.10 -25.50
CA SER A 271 0.59 -0.83 -26.26
C SER A 271 -0.84 -0.30 -26.24
N PHE A 272 -1.82 -1.19 -26.41
CA PHE A 272 -3.21 -0.87 -26.35
C PHE A 272 -3.49 -0.17 -25.01
N TYR A 273 -3.06 -0.84 -23.95
CA TYR A 273 -3.28 -0.34 -22.56
C TYR A 273 -2.70 1.04 -22.30
N LYS A 274 -1.43 1.24 -22.74
CA LYS A 274 -0.72 2.49 -22.49
C LYS A 274 -1.27 3.60 -23.35
N ASN A 275 -1.74 3.26 -24.54
CA ASN A 275 -2.38 4.23 -25.46
CA ASN A 275 -2.27 4.31 -25.34
C ASN A 275 -3.62 4.83 -24.84
N GLN A 276 -4.44 3.94 -24.28
CA GLN A 276 -5.68 4.33 -23.64
C GLN A 276 -5.39 5.13 -22.39
N LEU A 277 -4.47 4.65 -21.56
CA LEU A 277 -4.09 5.30 -20.30
C LEU A 277 -3.54 6.70 -20.54
N LYS A 278 -2.68 6.84 -21.54
CA LYS A 278 -2.21 8.14 -22.00
C LYS A 278 -3.35 9.06 -22.35
N ALA A 279 -4.21 8.61 -23.25
CA ALA A 279 -5.30 9.44 -23.76
C ALA A 279 -6.12 10.06 -22.62
N ASP A 280 -6.49 9.28 -21.61
CA ASP A 280 -7.32 9.84 -20.54
C ASP A 280 -6.58 10.30 -19.28
N ASN A 281 -5.30 10.01 -19.15
CA ASN A 281 -4.49 10.71 -18.13
C ASN A 281 -4.25 12.16 -18.57
N LYS A 282 -4.22 12.37 -19.89
CA LYS A 282 -4.06 13.69 -20.47
C LYS A 282 -5.30 14.55 -20.19
N ILE A 283 -6.50 13.94 -20.35
CA ILE A 283 -7.79 14.57 -20.04
C ILE A 283 -7.88 14.94 -18.54
N MET A 284 -7.65 13.95 -17.66
CA MET A 284 -7.45 14.22 -16.22
C MET A 284 -6.07 14.90 -16.02
#